data_3WX5
#
_entry.id   3WX5
#
_cell.length_a   130.779
_cell.length_b   59.576
_cell.length_c   74.950
_cell.angle_alpha   90.00
_cell.angle_beta   122.89
_cell.angle_gamma   90.00
#
_symmetry.space_group_name_H-M   'C 1 2 1'
#
loop_
_entity.id
_entity.type
_entity.pdbx_description
1 polymer Cellulase
2 water water
#
_entity_poly.entity_id   1
_entity_poly.type   'polypeptide(L)'
_entity_poly.pdbx_seq_one_letter_code
;MDLFPEKNESNPQAEDEPTATVCDRWGSRDVAGGRYRVINNVWGAETAQCIEIGLETGNFILTRAEHSNGDNVAAYPAIY
LGCHWGACTSQSGLPLRVEAISRLQSNWRLTPISSGRWNAAYDLWFSPSLTSTNGYSGGAELMIWLNWRGNVMPGGNRVA
TVSLAGATWEVWFADWDWNYIAYRRTTPVTEVTQLDLKAFIDDAVARGYISPTWYLHAVETGFELWEGGRGLKSSDFSVT
LTAR
;
_entity_poly.pdbx_strand_id   A,B
#
# COMPACT_ATOMS: atom_id res chain seq x y z
N ASP A 16 35.60 -10.84 -18.22
CA ASP A 16 35.11 -9.66 -17.43
C ASP A 16 33.67 -9.27 -17.76
N GLU A 17 32.77 -9.46 -16.79
CA GLU A 17 31.38 -9.09 -16.98
C GLU A 17 31.23 -7.56 -17.02
N PRO A 18 30.21 -7.07 -17.75
CA PRO A 18 29.84 -5.64 -17.76
C PRO A 18 29.49 -5.19 -16.34
N THR A 19 29.82 -3.95 -16.01
CA THR A 19 29.53 -3.41 -14.69
C THR A 19 28.88 -2.05 -14.86
N ALA A 20 28.16 -1.60 -13.84
CA ALA A 20 27.70 -0.22 -13.70
C ALA A 20 28.06 0.33 -12.32
N THR A 21 28.37 1.63 -12.26
CA THR A 21 28.74 2.25 -10.98
C THR A 21 27.59 3.13 -10.55
N VAL A 22 26.91 2.73 -9.48
CA VAL A 22 25.62 3.33 -9.11
C VAL A 22 25.81 4.13 -7.84
N CYS A 23 25.50 5.44 -7.88
CA CYS A 23 25.75 6.34 -6.75
C CYS A 23 24.50 7.02 -6.22
N ASP A 24 23.39 6.95 -6.98
CA ASP A 24 22.12 7.54 -6.57
C ASP A 24 21.71 6.92 -5.25
N ARG A 25 21.23 7.74 -4.32
CA ARG A 25 20.78 7.25 -3.02
C ARG A 25 19.77 6.10 -3.14
N TRP A 26 18.92 6.16 -4.17
CA TRP A 26 17.96 5.09 -4.44
C TRP A 26 18.23 4.33 -5.74
N GLY A 27 19.48 4.27 -6.15
CA GLY A 27 19.83 3.71 -7.44
C GLY A 27 19.72 2.19 -7.40
N SER A 28 19.43 1.59 -8.55
CA SER A 28 19.31 0.13 -8.63
C SER A 28 19.70 -0.40 -10.01
N ARG A 29 19.97 -1.71 -10.09
CA ARG A 29 20.13 -2.40 -11.37
C ARG A 29 19.49 -3.78 -11.31
N ASP A 30 18.80 -4.15 -12.36
CA ASP A 30 18.46 -5.55 -12.59
C ASP A 30 19.72 -6.30 -12.98
N VAL A 31 19.88 -7.50 -12.41
CA VAL A 31 21.04 -8.34 -12.70
C VAL A 31 20.64 -9.79 -12.95
N ALA A 32 21.57 -10.54 -13.53
CA ALA A 32 21.41 -11.98 -13.76
C ALA A 32 20.15 -12.23 -14.57
N GLY A 33 19.96 -11.42 -15.61
CA GLY A 33 18.81 -11.55 -16.50
C GLY A 33 17.50 -11.21 -15.81
N GLY A 34 17.58 -10.49 -14.70
CA GLY A 34 16.36 -10.07 -14.01
C GLY A 34 16.01 -10.93 -12.82
N ARG A 35 16.82 -11.95 -12.54
CA ARG A 35 16.48 -12.84 -11.44
C ARG A 35 16.68 -12.14 -10.08
N TYR A 36 17.68 -11.26 -9.99
CA TYR A 36 17.94 -10.51 -8.77
C TYR A 36 18.00 -9.02 -9.09
N ARG A 37 17.98 -8.19 -8.05
CA ARG A 37 18.11 -6.76 -8.19
C ARG A 37 19.12 -6.28 -7.17
N VAL A 38 19.94 -5.30 -7.54
CA VAL A 38 20.90 -4.72 -6.61
C VAL A 38 20.53 -3.25 -6.34
N ILE A 39 20.58 -2.85 -5.07
CA ILE A 39 20.12 -1.51 -4.71
C ILE A 39 21.21 -0.83 -3.91
N ASN A 40 21.46 0.44 -4.21
CA ASN A 40 22.42 1.22 -3.43
C ASN A 40 21.84 1.49 -2.05
N ASN A 41 20.59 1.92 -2.02
CA ASN A 41 19.78 1.88 -0.81
C ASN A 41 20.39 2.63 0.37
N VAL A 42 20.71 3.91 0.17
CA VAL A 42 21.22 4.77 1.24
C VAL A 42 20.02 5.36 2.01
N TRP A 43 19.35 4.50 2.77
CA TRP A 43 18.04 4.84 3.33
C TRP A 43 18.08 5.72 4.58
N GLY A 44 19.22 5.72 5.28
CA GLY A 44 19.31 6.33 6.60
C GLY A 44 20.20 7.56 6.74
N ALA A 45 20.70 8.09 5.63
CA ALA A 45 21.58 9.26 5.61
C ALA A 45 21.65 9.94 4.25
N GLU A 46 22.34 11.08 4.19
CA GLU A 46 22.52 11.80 2.95
C GLU A 46 23.98 11.74 2.49
N THR A 47 24.81 11.09 3.28
CA THR A 47 26.21 10.80 2.89
C THR A 47 26.39 9.97 1.61
N ALA A 48 27.51 10.18 0.92
CA ALA A 48 27.71 9.62 -0.39
C ALA A 48 28.09 8.13 -0.32
N GLN A 49 27.61 7.40 -1.32
CA GLN A 49 27.99 5.99 -1.48
C GLN A 49 27.86 5.60 -2.94
N CYS A 50 28.86 4.86 -3.43
CA CYS A 50 28.77 4.24 -4.75
C CYS A 50 29.04 2.75 -4.65
N ILE A 51 28.34 1.98 -5.47
CA ILE A 51 28.69 0.56 -5.65
C ILE A 51 28.96 0.26 -7.11
N GLU A 52 29.93 -0.62 -7.35
CA GLU A 52 30.20 -1.11 -8.69
C GLU A 52 29.59 -2.50 -8.84
N ILE A 53 28.63 -2.62 -9.76
CA ILE A 53 27.76 -3.80 -9.86
C ILE A 53 28.03 -4.61 -11.13
N GLY A 54 28.29 -5.90 -10.93
CA GLY A 54 28.42 -6.83 -12.07
C GLY A 54 27.03 -7.17 -12.57
N LEU A 55 26.74 -6.83 -13.82
CA LEU A 55 25.38 -6.98 -14.33
C LEU A 55 24.93 -8.44 -14.54
N GLU A 56 25.87 -9.36 -14.70
CA GLU A 56 25.53 -10.77 -14.90
C GLU A 56 25.39 -11.52 -13.57
N THR A 57 26.34 -11.31 -12.66
CA THR A 57 26.37 -12.05 -11.40
C THR A 57 25.61 -11.32 -10.30
N GLY A 58 25.46 -10.01 -10.44
CA GLY A 58 24.99 -9.18 -9.34
C GLY A 58 26.01 -8.95 -8.25
N ASN A 59 27.25 -9.42 -8.44
CA ASN A 59 28.33 -9.11 -7.48
C ASN A 59 28.46 -7.58 -7.38
N PHE A 60 28.78 -7.06 -6.21
CA PHE A 60 28.99 -5.61 -6.07
C PHE A 60 30.05 -5.26 -5.04
N ILE A 61 30.73 -4.14 -5.27
CA ILE A 61 31.74 -3.70 -4.30
C ILE A 61 31.46 -2.24 -3.95
N LEU A 62 31.59 -1.90 -2.66
CA LEU A 62 31.48 -0.48 -2.23
C LEU A 62 32.75 0.24 -2.69
N THR A 63 32.60 1.15 -3.66
CA THR A 63 33.74 1.93 -4.14
C THR A 63 33.82 3.28 -3.48
N ARG A 64 32.72 3.69 -2.85
CA ARG A 64 32.70 4.93 -2.08
C ARG A 64 31.70 4.81 -0.95
N ALA A 65 32.12 5.12 0.27
CA ALA A 65 31.18 5.14 1.38
C ALA A 65 31.60 6.14 2.44
N GLU A 66 30.96 7.29 2.45
CA GLU A 66 31.36 8.34 3.36
C GLU A 66 30.50 8.50 4.59
N HIS A 67 29.96 7.39 5.07
CA HIS A 67 28.96 7.47 6.12
C HIS A 67 29.63 7.71 7.46
N SER A 68 28.98 8.52 8.29
CA SER A 68 29.40 8.64 9.69
C SER A 68 28.17 9.01 10.50
N ASN A 69 27.37 8.00 10.81
CA ASN A 69 25.95 8.18 11.13
C ASN A 69 25.65 7.86 12.57
N GLY A 70 26.67 7.92 13.42
CA GLY A 70 26.44 7.57 14.83
C GLY A 70 25.97 6.13 14.94
N ASP A 71 24.94 5.88 15.75
CA ASP A 71 24.49 4.51 15.91
C ASP A 71 23.23 4.19 15.13
N ASN A 72 22.95 5.01 14.13
CA ASN A 72 21.85 4.77 13.18
C ASN A 72 22.41 4.22 11.87
N VAL A 73 21.81 3.16 11.35
CA VAL A 73 22.22 2.65 10.03
C VAL A 73 22.03 3.73 8.94
N ALA A 74 23.10 3.99 8.20
CA ALA A 74 23.07 4.95 7.10
C ALA A 74 22.54 4.35 5.81
N ALA A 75 22.81 3.06 5.58
CA ALA A 75 22.65 2.46 4.24
C ALA A 75 22.63 0.95 4.38
N TYR A 76 22.01 0.30 3.41
CA TYR A 76 22.09 -1.16 3.27
C TYR A 76 22.13 -1.50 1.78
N PRO A 77 23.26 -1.20 1.12
CA PRO A 77 23.48 -1.72 -0.24
C PRO A 77 23.32 -3.25 -0.24
N ALA A 78 22.52 -3.77 -1.16
CA ALA A 78 22.03 -5.15 -1.04
C ALA A 78 21.64 -5.74 -2.39
N ILE A 79 21.57 -7.07 -2.44
CA ILE A 79 21.04 -7.78 -3.60
C ILE A 79 19.85 -8.60 -3.10
N TYR A 80 18.84 -8.75 -3.94
CA TYR A 80 17.63 -9.45 -3.50
C TYR A 80 16.92 -10.24 -4.57
N LEU A 81 16.17 -11.24 -4.09
CA LEU A 81 15.11 -11.89 -4.83
C LEU A 81 13.78 -11.51 -4.21
N GLY A 82 12.79 -11.24 -5.05
CA GLY A 82 11.45 -10.91 -4.56
C GLY A 82 11.09 -9.43 -4.73
N CYS A 83 10.32 -8.91 -3.78
CA CYS A 83 9.69 -7.60 -3.86
C CYS A 83 10.11 -6.72 -2.67
N HIS A 84 10.91 -5.71 -2.99
CA HIS A 84 11.45 -4.74 -2.05
C HIS A 84 10.67 -3.43 -2.20
N TRP A 85 9.79 -3.13 -1.25
CA TRP A 85 8.90 -1.98 -1.34
C TRP A 85 8.21 -1.90 -2.70
N GLY A 86 7.68 -3.04 -3.14
CA GLY A 86 6.88 -3.09 -4.37
C GLY A 86 7.68 -3.21 -5.66
N ALA A 87 9.01 -3.11 -5.57
CA ALA A 87 9.85 -3.34 -6.75
C ALA A 87 10.28 -4.81 -6.82
N CYS A 88 9.67 -5.57 -7.72
CA CYS A 88 9.85 -7.03 -7.80
C CYS A 88 10.88 -7.45 -8.86
N THR A 89 11.62 -8.52 -8.55
CA THR A 89 12.46 -9.18 -9.53
C THR A 89 11.61 -10.04 -10.47
N SER A 90 12.25 -10.67 -11.46
CA SER A 90 11.50 -11.46 -12.43
C SER A 90 11.24 -12.87 -11.96
N GLN A 91 9.96 -13.25 -12.02
CA GLN A 91 9.54 -14.61 -11.68
C GLN A 91 10.17 -15.11 -10.40
N SER A 92 9.99 -14.36 -9.33
CA SER A 92 10.68 -14.68 -8.06
C SER A 92 10.00 -15.80 -7.28
N GLY A 93 8.72 -16.02 -7.57
CA GLY A 93 7.90 -16.93 -6.77
C GLY A 93 7.41 -16.31 -5.46
N LEU A 94 7.75 -15.05 -5.23
CA LEU A 94 7.24 -14.31 -4.07
C LEU A 94 6.27 -13.21 -4.51
N PRO A 95 5.40 -12.74 -3.59
CA PRO A 95 5.35 -13.18 -2.21
C PRO A 95 4.66 -14.55 -2.06
N LEU A 96 5.02 -15.25 -0.99
CA LEU A 96 4.52 -16.59 -0.74
C LEU A 96 4.31 -16.69 0.76
N ARG A 97 3.18 -17.27 1.16
CA ARG A 97 2.88 -17.34 2.59
C ARG A 97 3.92 -18.20 3.30
N VAL A 98 4.26 -17.82 4.52
CA VAL A 98 5.22 -18.60 5.28
C VAL A 98 4.81 -20.07 5.44
N GLU A 99 3.53 -20.31 5.66
CA GLU A 99 3.07 -21.70 5.86
C GLU A 99 3.13 -22.49 4.52
N ALA A 100 3.24 -21.76 3.41
CA ALA A 100 3.25 -22.33 2.06
C ALA A 100 4.67 -22.44 1.49
N ILE A 101 5.69 -22.14 2.30
CA ILE A 101 7.07 -22.37 1.87
C ILE A 101 7.49 -23.80 2.24
N SER A 102 8.02 -24.56 1.28
CA SER A 102 8.61 -25.89 1.62
C SER A 102 10.08 -25.80 1.96
N ARG A 103 10.85 -25.11 1.11
CA ARG A 103 12.31 -24.98 1.32
C ARG A 103 12.78 -23.60 0.91
N LEU A 104 13.86 -23.15 1.54
CA LEU A 104 14.47 -21.88 1.17
C LEU A 104 15.93 -21.87 1.56
N GLN A 105 16.80 -21.76 0.58
CA GLN A 105 18.25 -21.76 0.87
C GLN A 105 18.96 -20.72 0.03
N SER A 106 20.17 -20.37 0.46
CA SER A 106 20.91 -19.34 -0.22
C SER A 106 22.42 -19.53 -0.08
N ASN A 107 23.15 -19.18 -1.15
CA ASN A 107 24.59 -18.97 -1.11
C ASN A 107 24.97 -17.50 -1.08
N TRP A 108 26.11 -17.18 -0.46
CA TRP A 108 26.64 -15.81 -0.51
C TRP A 108 28.10 -15.85 -0.09
N ARG A 109 28.91 -14.94 -0.64
CA ARG A 109 30.28 -14.78 -0.18
C ARG A 109 30.52 -13.29 0.02
N LEU A 110 31.14 -12.93 1.13
CA LEU A 110 31.42 -11.54 1.39
C LEU A 110 32.93 -11.33 1.58
N THR A 111 33.39 -10.16 1.22
CA THR A 111 34.77 -9.77 1.48
C THR A 111 34.74 -8.67 2.55
N PRO A 112 35.23 -8.98 3.77
CA PRO A 112 35.24 -8.02 4.86
C PRO A 112 36.32 -6.95 4.68
N ILE A 113 36.23 -5.89 5.49
CA ILE A 113 37.29 -4.86 5.53
C ILE A 113 37.76 -4.61 6.96
N SER A 114 38.89 -3.92 7.11
CA SER A 114 39.50 -3.67 8.42
C SER A 114 39.27 -2.26 8.91
N SER A 115 38.16 -1.67 8.54
CA SER A 115 37.83 -0.34 9.04
C SER A 115 36.31 -0.17 9.01
N GLY A 116 35.83 0.96 9.50
CA GLY A 116 34.39 1.23 9.48
C GLY A 116 33.58 0.52 10.55
N ARG A 117 32.28 0.80 10.54
CA ARG A 117 31.34 0.13 11.42
C ARG A 117 30.19 -0.35 10.55
N TRP A 118 30.05 -1.67 10.45
CA TRP A 118 29.19 -2.29 9.42
C TRP A 118 28.90 -3.72 9.82
N ASN A 119 27.89 -4.31 9.18
CA ASN A 119 27.68 -5.75 9.27
C ASN A 119 27.47 -6.32 7.88
N ALA A 120 27.56 -7.65 7.76
CA ALA A 120 27.19 -8.33 6.52
C ALA A 120 26.06 -9.26 6.90
N ALA A 121 24.89 -9.09 6.29
CA ALA A 121 23.66 -9.63 6.87
C ALA A 121 22.58 -9.84 5.82
N TYR A 122 21.89 -10.97 5.92
CA TYR A 122 20.63 -11.16 5.17
C TYR A 122 19.56 -10.27 5.83
N ASP A 123 18.54 -9.93 5.06
CA ASP A 123 17.40 -9.13 5.54
C ASP A 123 16.20 -9.68 4.78
N LEU A 124 15.27 -10.34 5.50
CA LEU A 124 14.07 -10.87 4.84
C LEU A 124 12.86 -10.11 5.36
N TRP A 125 11.87 -9.88 4.48
CA TRP A 125 10.79 -8.97 4.81
C TRP A 125 9.47 -9.75 4.67
N PHE A 126 8.61 -9.59 5.66
CA PHE A 126 7.32 -10.29 5.73
C PHE A 126 6.19 -9.31 6.03
N SER A 127 4.98 -9.64 5.56
CA SER A 127 3.83 -8.93 6.10
C SER A 127 2.52 -9.62 5.73
N PRO A 128 1.43 -9.23 6.39
CA PRO A 128 0.21 -9.97 6.12
C PRO A 128 -0.35 -9.62 4.77
N SER A 129 0.17 -8.57 4.15
CA SER A 129 -0.32 -8.12 2.84
C SER A 129 0.39 -8.74 1.62
N LEU A 130 -0.37 -8.90 0.53
CA LEU A 130 0.16 -9.37 -0.73
C LEU A 130 0.98 -8.32 -1.47
N THR A 131 0.87 -7.05 -1.07
CA THR A 131 1.67 -6.02 -1.68
C THR A 131 2.63 -5.36 -0.69
N SER A 132 3.72 -4.78 -1.20
CA SER A 132 4.73 -4.17 -0.33
C SER A 132 5.07 -2.74 -0.76
N THR A 133 4.32 -2.19 -1.71
CA THR A 133 4.62 -0.86 -2.18
C THR A 133 4.73 0.14 -1.02
N ASN A 134 3.97 -0.08 0.04
CA ASN A 134 4.06 0.79 1.19
C ASN A 134 4.79 0.25 2.40
N GLY A 135 5.63 -0.76 2.18
CA GLY A 135 6.47 -1.29 3.26
C GLY A 135 5.79 -2.42 4.02
N TYR A 136 6.29 -2.68 5.23
CA TYR A 136 5.97 -3.93 5.93
C TYR A 136 5.47 -3.73 7.36
N SER A 137 4.83 -2.59 7.63
CA SER A 137 4.26 -2.34 8.96
C SER A 137 3.25 -3.43 9.25
N GLY A 138 3.27 -3.93 10.48
CA GLY A 138 2.36 -5.03 10.87
C GLY A 138 2.88 -6.40 10.46
N GLY A 139 4.08 -6.40 9.89
CA GLY A 139 4.79 -7.65 9.58
C GLY A 139 6.09 -7.80 10.34
N ALA A 140 7.14 -8.26 9.65
CA ALA A 140 8.38 -8.60 10.35
C ALA A 140 9.57 -8.44 9.41
N GLU A 141 10.74 -8.30 10.04
CA GLU A 141 12.00 -8.27 9.36
C GLU A 141 12.87 -9.28 10.07
N LEU A 142 13.46 -10.18 9.29
CA LEU A 142 14.34 -11.21 9.84
C LEU A 142 15.73 -11.03 9.27
N MET A 143 16.68 -10.72 10.14
CA MET A 143 18.06 -10.54 9.71
C MET A 143 18.91 -11.75 10.13
N ILE A 144 19.99 -11.96 9.39
CA ILE A 144 20.95 -13.00 9.73
C ILE A 144 22.33 -12.40 9.55
N TRP A 145 22.98 -12.10 10.67
CA TRP A 145 24.25 -11.36 10.66
C TRP A 145 25.39 -12.37 10.62
N LEU A 146 26.24 -12.27 9.60
CA LEU A 146 27.33 -13.24 9.37
C LEU A 146 28.69 -12.69 9.76
N ASN A 147 28.83 -11.37 9.72
CA ASN A 147 30.13 -10.73 9.94
C ASN A 147 29.88 -9.23 10.20
N TRP A 148 30.85 -8.55 10.79
CA TRP A 148 30.64 -7.16 11.24
C TRP A 148 31.95 -6.60 11.76
N ARG A 149 31.97 -5.29 12.01
CA ARG A 149 33.11 -4.66 12.63
C ARG A 149 32.60 -3.52 13.46
N GLY A 150 33.21 -3.32 14.63
CA GLY A 150 33.00 -2.08 15.37
C GLY A 150 32.00 -2.17 16.50
N ASN A 151 31.70 -3.39 16.96
CA ASN A 151 30.74 -3.58 18.06
C ASN A 151 29.36 -3.04 17.78
N VAL A 152 28.95 -3.05 16.51
CA VAL A 152 27.58 -2.71 16.15
C VAL A 152 26.64 -3.78 16.72
N MET A 153 25.41 -3.40 17.08
CA MET A 153 24.49 -4.30 17.83
C MET A 153 23.18 -4.38 17.02
N PRO A 154 22.52 -5.54 17.03
CA PRO A 154 21.14 -5.63 16.55
C PRO A 154 20.20 -4.74 17.36
N GLY A 155 19.09 -4.36 16.74
CA GLY A 155 17.97 -3.71 17.47
C GLY A 155 17.43 -4.58 18.57
N GLY A 156 16.76 -3.95 19.53
CA GLY A 156 15.97 -4.71 20.51
C GLY A 156 16.82 -5.32 21.62
N ASN A 157 16.43 -6.51 22.06
CA ASN A 157 17.06 -7.16 23.20
C ASN A 157 17.45 -8.58 22.80
N ARG A 158 18.52 -9.06 23.40
CA ARG A 158 18.94 -10.46 23.25
C ARG A 158 17.97 -11.35 24.01
N VAL A 159 17.37 -12.32 23.34
CA VAL A 159 16.38 -13.17 23.97
C VAL A 159 16.75 -14.64 24.10
N ALA A 160 17.72 -15.10 23.31
CA ALA A 160 18.05 -16.54 23.26
C ALA A 160 19.34 -16.80 22.50
N THR A 161 19.79 -18.05 22.57
CA THR A 161 20.86 -18.57 21.75
C THR A 161 20.32 -19.89 21.17
N VAL A 162 20.60 -20.13 19.89
CA VAL A 162 19.91 -21.23 19.20
C VAL A 162 20.84 -21.91 18.18
N SER A 163 20.75 -23.24 18.06
CA SER A 163 21.41 -23.99 16.96
C SER A 163 20.45 -24.08 15.79
N LEU A 164 20.86 -23.49 14.66
CA LEU A 164 20.03 -23.51 13.43
C LEU A 164 20.94 -23.59 12.23
N ALA A 165 20.55 -24.41 11.25
CA ALA A 165 21.14 -24.36 9.90
C ALA A 165 22.62 -24.70 9.92
N GLY A 166 23.06 -25.40 10.97
CA GLY A 166 24.42 -25.91 10.99
C GLY A 166 25.37 -25.02 11.77
N ALA A 167 24.82 -24.04 12.50
CA ALA A 167 25.63 -23.13 13.30
C ALA A 167 24.83 -22.63 14.47
N THR A 168 25.46 -21.79 15.30
CA THR A 168 24.89 -21.25 16.52
C THR A 168 24.69 -19.74 16.36
N TRP A 169 23.59 -19.23 16.92
CA TRP A 169 23.16 -17.83 16.75
C TRP A 169 22.61 -17.24 18.03
N GLU A 170 22.93 -15.97 18.28
CA GLU A 170 22.17 -15.11 19.19
C GLU A 170 20.85 -14.70 18.58
N VAL A 171 19.77 -14.72 19.36
CA VAL A 171 18.48 -14.26 18.85
C VAL A 171 18.15 -12.92 19.50
N TRP A 172 17.93 -11.90 18.66
CA TRP A 172 17.56 -10.54 19.12
C TRP A 172 16.18 -10.19 18.63
N PHE A 173 15.39 -9.50 19.45
CA PHE A 173 14.02 -9.19 19.08
C PHE A 173 13.69 -7.73 19.42
N ALA A 174 13.09 -7.00 18.47
CA ALA A 174 12.47 -5.73 18.84
C ALA A 174 11.03 -5.69 18.38
N ASP A 175 10.20 -5.06 19.19
CA ASP A 175 8.81 -4.85 18.84
C ASP A 175 8.60 -3.41 18.34
N TRP A 176 8.66 -3.25 17.02
CA TRP A 176 8.56 -1.94 16.39
C TRP A 176 7.26 -1.88 15.59
N ASP A 177 7.19 -1.03 14.58
CA ASP A 177 5.99 -1.07 13.70
C ASP A 177 5.87 -2.42 13.01
N TRP A 178 7.02 -3.06 12.83
CA TRP A 178 7.10 -4.48 12.43
C TRP A 178 7.89 -5.22 13.49
N ASN A 179 7.81 -6.55 13.49
CA ASN A 179 8.62 -7.32 14.43
C ASN A 179 10.00 -7.48 13.81
N TYR A 180 11.03 -7.17 14.57
CA TYR A 180 12.42 -7.28 14.10
C TYR A 180 13.07 -8.46 14.80
N ILE A 181 13.54 -9.43 14.04
CA ILE A 181 14.25 -10.56 14.61
C ILE A 181 15.63 -10.65 13.98
N ALA A 182 16.69 -10.66 14.78
CA ALA A 182 18.03 -10.77 14.19
C ALA A 182 18.73 -12.00 14.75
N TYR A 183 19.35 -12.76 13.86
CA TYR A 183 20.17 -13.89 14.29
C TYR A 183 21.61 -13.52 14.05
N ARG A 184 22.40 -13.37 15.11
CA ARG A 184 23.78 -12.98 14.95
C ARG A 184 24.63 -14.23 15.16
N ARG A 185 25.47 -14.58 14.18
CA ARG A 185 26.24 -15.84 14.29
C ARG A 185 27.20 -15.68 15.46
N THR A 186 27.39 -16.75 16.25
CA THR A 186 28.22 -16.65 17.47
C THR A 186 29.70 -16.45 17.11
N THR A 187 30.10 -16.93 15.93
CA THR A 187 31.35 -16.48 15.32
C THR A 187 31.16 -16.09 13.86
N PRO A 188 31.90 -15.07 13.41
CA PRO A 188 31.69 -14.55 12.05
C PRO A 188 32.20 -15.50 10.97
N VAL A 189 31.59 -15.47 9.77
CA VAL A 189 32.10 -16.18 8.60
C VAL A 189 32.19 -15.23 7.42
N THR A 190 32.77 -15.70 6.31
CA THR A 190 32.85 -14.89 5.09
C THR A 190 32.07 -15.53 3.96
N GLU A 191 31.44 -16.69 4.21
CA GLU A 191 30.69 -17.34 3.15
C GLU A 191 29.68 -18.29 3.77
N VAL A 192 28.53 -18.45 3.10
CA VAL A 192 27.60 -19.51 3.42
C VAL A 192 27.24 -20.24 2.13
N THR A 193 27.12 -21.57 2.26
CA THR A 193 26.76 -22.44 1.14
C THR A 193 25.51 -23.22 1.52
N GLN A 194 24.44 -23.01 0.75
CA GLN A 194 23.15 -23.63 0.98
C GLN A 194 22.68 -23.39 2.42
N LEU A 195 22.73 -22.12 2.83
CA LEU A 195 22.25 -21.75 4.15
C LEU A 195 20.76 -21.97 4.18
N ASP A 196 20.29 -22.71 5.19
CA ASP A 196 18.87 -23.01 5.30
C ASP A 196 18.10 -21.83 5.91
N LEU A 197 17.61 -20.93 5.05
CA LEU A 197 16.90 -19.74 5.53
C LEU A 197 15.57 -20.14 6.22
N LYS A 198 14.93 -21.22 5.77
CA LYS A 198 13.64 -21.64 6.34
C LYS A 198 13.82 -22.00 7.84
N ALA A 199 14.99 -22.49 8.20
CA ALA A 199 15.24 -22.83 9.63
C ALA A 199 15.03 -21.59 10.49
N PHE A 200 15.55 -20.44 10.04
CA PHE A 200 15.37 -19.19 10.80
C PHE A 200 13.93 -18.75 10.83
N ILE A 201 13.28 -18.78 9.67
CA ILE A 201 11.88 -18.49 9.61
C ILE A 201 11.06 -19.32 10.59
N ASP A 202 11.29 -20.63 10.61
CA ASP A 202 10.49 -21.53 11.47
C ASP A 202 10.80 -21.26 12.95
N ASP A 203 12.03 -20.85 13.27
CA ASP A 203 12.36 -20.51 14.67
C ASP A 203 11.60 -19.25 15.08
N ALA A 204 11.62 -18.24 14.21
CA ALA A 204 10.87 -17.01 14.47
C ALA A 204 9.36 -17.28 14.62
N VAL A 205 8.81 -18.17 13.78
CA VAL A 205 7.42 -18.55 13.92
C VAL A 205 7.19 -19.22 15.27
N ALA A 206 8.05 -20.15 15.62
CA ALA A 206 7.90 -20.85 16.92
C ALA A 206 7.92 -19.88 18.08
N ARG A 207 8.72 -18.81 17.98
CA ARG A 207 8.80 -17.81 19.05
C ARG A 207 7.62 -16.86 19.11
N GLY A 208 6.77 -16.90 18.10
CA GLY A 208 5.63 -16.00 18.02
C GLY A 208 5.96 -14.67 17.38
N TYR A 209 7.13 -14.58 16.74
CA TYR A 209 7.56 -13.31 16.14
C TYR A 209 7.09 -13.14 14.71
N ILE A 210 6.88 -14.26 14.01
CA ILE A 210 6.35 -14.19 12.66
C ILE A 210 5.09 -15.04 12.63
N SER A 211 4.00 -14.49 12.09
CA SER A 211 2.83 -15.31 11.86
C SER A 211 2.98 -16.15 10.60
N PRO A 212 2.67 -17.46 10.69
CA PRO A 212 2.83 -18.31 9.51
C PRO A 212 1.86 -17.95 8.38
N THR A 213 0.88 -17.08 8.64
CA THR A 213 0.00 -16.62 7.56
C THR A 213 0.48 -15.31 6.93
N TRP A 214 1.60 -14.78 7.42
CA TRP A 214 2.23 -13.63 6.75
C TRP A 214 2.96 -14.11 5.50
N TYR A 215 3.10 -13.22 4.51
CA TYR A 215 3.87 -13.51 3.30
C TYR A 215 5.33 -13.12 3.49
N LEU A 216 6.23 -13.97 3.01
CA LEU A 216 7.60 -13.58 2.68
C LEU A 216 7.61 -12.80 1.38
N HIS A 217 8.10 -11.55 1.42
CA HIS A 217 8.14 -10.71 0.21
C HIS A 217 9.47 -10.69 -0.49
N ALA A 218 10.56 -10.74 0.30
CA ALA A 218 11.88 -10.47 -0.27
C ALA A 218 12.94 -11.17 0.53
N VAL A 219 13.94 -11.72 -0.16
CA VAL A 219 15.11 -12.28 0.49
C VAL A 219 16.29 -11.45 -0.03
N GLU A 220 16.97 -10.75 0.88
CA GLU A 220 18.03 -9.82 0.51
C GLU A 220 19.28 -10.16 1.29
N THR A 221 20.44 -9.77 0.77
CA THR A 221 21.60 -9.71 1.64
C THR A 221 22.49 -8.54 1.23
N GLY A 222 23.34 -8.08 2.14
CA GLY A 222 24.13 -6.86 1.87
C GLY A 222 24.83 -6.46 3.14
N PHE A 223 25.11 -5.15 3.27
CA PHE A 223 25.91 -4.67 4.40
C PHE A 223 25.15 -3.51 5.02
N GLU A 224 24.81 -3.59 6.30
CA GLU A 224 24.34 -2.38 6.95
C GLU A 224 25.56 -1.52 7.28
N LEU A 225 25.53 -0.26 6.88
CA LEU A 225 26.68 0.61 7.10
C LEU A 225 26.32 1.69 8.12
N TRP A 226 27.09 1.79 9.22
CA TRP A 226 26.98 2.93 10.11
C TRP A 226 28.08 3.95 9.82
N GLU A 227 29.28 3.45 9.51
CA GLU A 227 30.45 4.33 9.34
C GLU A 227 31.32 3.68 8.26
N GLY A 228 31.61 4.43 7.19
CA GLY A 228 32.50 3.89 6.15
C GLY A 228 31.90 2.75 5.35
N GLY A 229 32.73 1.80 4.93
CA GLY A 229 32.24 0.68 4.14
C GLY A 229 33.01 0.41 2.85
N ARG A 230 33.86 1.36 2.45
CA ARG A 230 34.54 1.22 1.15
C ARG A 230 35.34 -0.07 1.07
N GLY A 231 35.14 -0.81 -0.01
CA GLY A 231 35.85 -2.08 -0.17
C GLY A 231 35.09 -3.34 0.22
N LEU A 232 33.99 -3.22 0.95
CA LEU A 232 33.16 -4.40 1.21
C LEU A 232 32.61 -4.93 -0.12
N LYS A 233 32.62 -6.24 -0.30
CA LYS A 233 32.19 -6.82 -1.57
C LYS A 233 31.21 -7.96 -1.32
N SER A 234 30.18 -8.02 -2.15
CA SER A 234 29.17 -9.09 -2.14
C SER A 234 29.36 -9.93 -3.42
N SER A 235 29.52 -11.25 -3.28
CA SER A 235 29.75 -12.15 -4.43
C SER A 235 28.90 -13.42 -4.39
N ASP A 236 28.64 -14.00 -5.56
CA ASP A 236 28.19 -15.39 -5.65
C ASP A 236 26.82 -15.59 -5.00
N PHE A 237 25.96 -14.58 -5.04
CA PHE A 237 24.63 -14.68 -4.41
C PHE A 237 23.73 -15.64 -5.19
N SER A 238 23.00 -16.49 -4.47
CA SER A 238 21.99 -17.34 -5.06
C SER A 238 20.90 -17.54 -4.04
N VAL A 239 19.66 -17.59 -4.49
CA VAL A 239 18.56 -18.01 -3.61
C VAL A 239 17.78 -19.09 -4.29
N THR A 240 17.43 -20.14 -3.55
CA THR A 240 16.58 -21.19 -4.12
C THR A 240 15.33 -21.40 -3.26
N LEU A 241 14.18 -21.14 -3.85
CA LEU A 241 12.92 -21.20 -3.13
C LEU A 241 12.06 -22.35 -3.68
N THR A 242 11.46 -23.10 -2.78
CA THR A 242 10.49 -24.13 -3.15
C THR A 242 9.19 -23.96 -2.41
N ALA A 243 8.09 -23.93 -3.14
CA ALA A 243 6.77 -23.79 -2.54
C ALA A 243 6.20 -25.18 -2.22
N ARG A 244 5.34 -25.27 -1.20
CA ARG A 244 4.66 -26.54 -0.88
C ARG A 244 3.68 -26.90 -2.03
N ASP B 16 -21.70 20.91 -28.21
CA ASP B 16 -21.75 19.45 -27.86
C ASP B 16 -20.37 18.92 -27.47
N GLU B 17 -20.17 18.61 -26.19
CA GLU B 17 -18.83 18.23 -25.71
C GLU B 17 -18.45 16.83 -26.25
N PRO B 18 -17.14 16.57 -26.41
CA PRO B 18 -16.66 15.23 -26.75
C PRO B 18 -17.09 14.21 -25.69
N THR B 19 -17.29 12.97 -26.10
CA THR B 19 -17.69 11.91 -25.17
C THR B 19 -16.83 10.67 -25.32
N ALA B 20 -16.90 9.81 -24.31
CA ALA B 20 -16.26 8.51 -24.35
C ALA B 20 -17.27 7.49 -23.83
N THR B 21 -17.12 6.26 -24.28
CA THR B 21 -17.93 5.14 -23.80
C THR B 21 -17.00 4.23 -23.04
N VAL B 22 -17.43 3.79 -21.88
CA VAL B 22 -16.62 2.90 -21.07
C VAL B 22 -17.48 1.73 -20.63
N CYS B 23 -17.05 0.52 -20.98
CA CYS B 23 -17.83 -0.69 -20.72
C CYS B 23 -17.09 -1.72 -19.87
N ASP B 24 -15.80 -1.49 -19.62
CA ASP B 24 -15.03 -2.52 -18.91
C ASP B 24 -15.13 -2.30 -17.42
N ARG B 25 -14.97 -3.38 -16.66
CA ARG B 25 -15.19 -3.39 -15.22
C ARG B 25 -14.49 -2.23 -14.50
N TRP B 26 -13.22 -2.00 -14.84
CA TRP B 26 -12.36 -1.06 -14.14
C TRP B 26 -12.00 0.13 -15.04
N GLY B 27 -12.82 0.36 -16.07
CA GLY B 27 -12.57 1.45 -16.98
C GLY B 27 -12.70 2.82 -16.32
N SER B 28 -11.95 3.79 -16.84
CA SER B 28 -12.00 5.13 -16.27
C SER B 28 -11.59 6.15 -17.31
N ARG B 29 -11.99 7.40 -17.08
CA ARG B 29 -11.50 8.50 -17.88
C ARG B 29 -11.20 9.73 -17.04
N ASP B 30 -10.13 10.42 -17.42
CA ASP B 30 -9.89 11.77 -16.93
C ASP B 30 -10.88 12.73 -17.58
N VAL B 31 -11.41 13.67 -16.78
CA VAL B 31 -12.39 14.60 -17.29
C VAL B 31 -12.07 16.01 -16.80
N ALA B 32 -12.65 17.02 -17.45
CA ALA B 32 -12.51 18.43 -17.02
C ALA B 32 -11.05 18.87 -16.86
N GLY B 33 -10.24 18.55 -17.86
CA GLY B 33 -8.83 18.92 -17.86
C GLY B 33 -8.01 18.14 -16.83
N GLY B 34 -8.58 17.07 -16.27
CA GLY B 34 -7.86 16.28 -15.27
C GLY B 34 -8.26 16.55 -13.83
N ARG B 35 -9.13 17.53 -13.63
CA ARG B 35 -9.56 17.89 -12.27
C ARG B 35 -10.36 16.75 -11.61
N TYR B 36 -11.17 16.04 -12.38
CA TYR B 36 -11.90 14.86 -11.87
C TYR B 36 -11.63 13.60 -12.72
N ARG B 37 -12.07 12.44 -12.23
CA ARG B 37 -11.95 11.19 -13.00
C ARG B 37 -13.25 10.42 -12.85
N VAL B 38 -13.73 9.83 -13.94
CA VAL B 38 -14.96 9.05 -13.89
C VAL B 38 -14.58 7.55 -13.99
N ILE B 39 -15.23 6.72 -13.19
CA ILE B 39 -14.96 5.28 -13.15
C ILE B 39 -16.22 4.48 -13.34
N ASN B 40 -16.13 3.44 -14.16
CA ASN B 40 -17.26 2.54 -14.39
C ASN B 40 -17.44 1.68 -13.15
N ASN B 41 -16.33 1.15 -12.63
CA ASN B 41 -16.25 0.67 -11.24
C ASN B 41 -17.31 -0.39 -10.93
N VAL B 42 -17.33 -1.47 -11.72
CA VAL B 42 -18.21 -2.58 -11.47
C VAL B 42 -17.57 -3.54 -10.49
N TRP B 43 -17.47 -3.10 -9.23
CA TRP B 43 -16.60 -3.75 -8.28
C TRP B 43 -17.20 -5.01 -7.68
N GLY B 44 -18.52 -5.15 -7.75
CA GLY B 44 -19.22 -6.21 -7.04
C GLY B 44 -19.94 -7.26 -7.88
N ALA B 45 -19.69 -7.29 -9.18
CA ALA B 45 -20.39 -8.20 -10.08
C ALA B 45 -19.68 -8.32 -11.42
N GLU B 46 -20.09 -9.32 -12.20
CA GLU B 46 -19.55 -9.53 -13.55
C GLU B 46 -20.59 -9.20 -14.61
N THR B 47 -21.73 -8.69 -14.17
CA THR B 47 -22.80 -8.31 -15.11
C THR B 47 -22.45 -7.02 -15.86
N ALA B 48 -23.03 -6.85 -17.05
CA ALA B 48 -22.59 -5.82 -17.98
C ALA B 48 -22.96 -4.42 -17.50
N GLN B 49 -22.08 -3.47 -17.76
CA GLN B 49 -22.40 -2.05 -17.52
C GLN B 49 -21.58 -1.14 -18.41
N CYS B 50 -22.25 -0.17 -19.05
CA CYS B 50 -21.58 0.88 -19.80
C CYS B 50 -22.00 2.25 -19.32
N ILE B 51 -21.09 3.21 -19.43
CA ILE B 51 -21.46 4.61 -19.20
C ILE B 51 -20.99 5.44 -20.37
N GLU B 52 -21.68 6.54 -20.61
CA GLU B 52 -21.20 7.50 -21.60
C GLU B 52 -20.83 8.83 -20.94
N ILE B 53 -19.61 9.29 -21.19
CA ILE B 53 -18.94 10.30 -20.37
C ILE B 53 -18.60 11.57 -21.19
N GLY B 54 -19.10 12.71 -20.73
CA GLY B 54 -18.76 14.03 -21.31
C GLY B 54 -17.38 14.40 -20.79
N LEU B 55 -16.42 14.52 -21.71
CA LEU B 55 -15.02 14.69 -21.32
C LEU B 55 -14.66 16.05 -20.70
N GLU B 56 -15.48 17.06 -20.96
CA GLU B 56 -15.25 18.40 -20.41
C GLU B 56 -15.95 18.61 -19.05
N THR B 57 -17.17 18.12 -18.94
CA THR B 57 -17.98 18.28 -17.73
C THR B 57 -17.80 17.16 -16.72
N GLY B 58 -17.45 15.98 -17.23
CA GLY B 58 -17.50 14.76 -16.44
C GLY B 58 -18.91 14.22 -16.25
N ASN B 59 -19.91 14.84 -16.89
CA ASN B 59 -21.27 14.29 -16.84
C ASN B 59 -21.25 12.87 -17.38
N PHE B 60 -22.05 11.97 -16.80
CA PHE B 60 -22.12 10.60 -17.36
C PHE B 60 -23.50 9.99 -17.24
N ILE B 61 -23.83 9.07 -18.14
CA ILE B 61 -25.12 8.39 -18.07
C ILE B 61 -24.90 6.88 -18.21
N LEU B 62 -25.66 6.10 -17.42
CA LEU B 62 -25.63 4.64 -17.55
C LEU B 62 -26.37 4.28 -18.87
N THR B 63 -25.63 3.77 -19.84
CA THR B 63 -26.27 3.36 -21.11
C THR B 63 -26.57 1.86 -21.15
N ARG B 64 -26.00 1.09 -20.23
CA ARG B 64 -26.28 -0.35 -20.12
C ARG B 64 -26.00 -0.74 -18.68
N ALA B 65 -26.92 -1.48 -18.08
CA ALA B 65 -26.72 -1.94 -16.70
C ALA B 65 -27.56 -3.16 -16.45
N GLU B 66 -26.93 -4.33 -16.56
CA GLU B 66 -27.67 -5.59 -16.53
C GLU B 66 -27.58 -6.28 -15.17
N HIS B 67 -27.35 -5.50 -14.12
CA HIS B 67 -27.11 -6.08 -12.80
C HIS B 67 -28.35 -6.71 -12.22
N SER B 68 -28.15 -7.79 -11.47
CA SER B 68 -29.22 -8.36 -10.67
C SER B 68 -28.54 -9.13 -9.54
N ASN B 69 -28.10 -8.39 -8.52
CA ASN B 69 -27.07 -8.84 -7.61
C ASN B 69 -27.58 -9.14 -6.21
N GLY B 70 -28.87 -9.45 -6.08
CA GLY B 70 -29.48 -9.65 -4.78
C GLY B 70 -29.31 -8.42 -3.91
N ASP B 71 -28.84 -8.60 -2.67
CA ASP B 71 -28.66 -7.45 -1.79
C ASP B 71 -27.20 -6.99 -1.66
N ASN B 72 -26.36 -7.40 -2.61
CA ASN B 72 -24.96 -6.95 -2.73
C ASN B 72 -24.86 -5.89 -3.80
N VAL B 73 -24.18 -4.78 -3.48
CA VAL B 73 -23.88 -3.77 -4.50
C VAL B 73 -23.05 -4.40 -5.62
N ALA B 74 -23.53 -4.22 -6.86
CA ALA B 74 -22.83 -4.72 -8.04
C ALA B 74 -21.75 -3.74 -8.51
N ALA B 75 -22.01 -2.44 -8.35
CA ALA B 75 -21.25 -1.42 -9.07
C ALA B 75 -21.43 -0.08 -8.38
N TYR B 76 -20.48 0.84 -8.61
CA TYR B 76 -20.65 2.24 -8.19
C TYR B 76 -19.99 3.14 -9.24
N PRO B 77 -20.64 3.28 -10.41
CA PRO B 77 -20.13 4.24 -11.36
C PRO B 77 -20.18 5.61 -10.72
N ALA B 78 -19.10 6.38 -10.88
CA ALA B 78 -18.89 7.55 -10.04
C ALA B 78 -17.92 8.54 -10.69
N ILE B 79 -17.94 9.78 -10.20
CA ILE B 79 -16.92 10.78 -10.54
C ILE B 79 -16.28 11.19 -9.20
N TYR B 80 -14.98 11.51 -9.24
CA TYR B 80 -14.29 11.85 -8.02
C TYR B 80 -13.19 12.88 -8.21
N LEU B 81 -12.84 13.50 -7.09
CA LEU B 81 -11.69 14.34 -6.91
C LEU B 81 -10.82 13.64 -5.87
N GLY B 82 -9.52 13.59 -6.12
CA GLY B 82 -8.59 13.02 -5.16
C GLY B 82 -8.04 11.66 -5.63
N CYS B 83 -7.89 10.73 -4.70
CA CYS B 83 -7.15 9.49 -4.94
C CYS B 83 -8.00 8.24 -4.63
N HIS B 84 -8.39 7.52 -5.68
CA HIS B 84 -9.22 6.32 -5.56
C HIS B 84 -8.32 5.11 -5.72
N TRP B 85 -8.06 4.40 -4.63
CA TRP B 85 -7.14 3.25 -4.65
C TRP B 85 -5.83 3.60 -5.38
N GLY B 86 -5.29 4.78 -5.07
CA GLY B 86 -3.99 5.20 -5.59
C GLY B 86 -4.02 5.88 -6.95
N ALA B 87 -5.19 5.92 -7.56
CA ALA B 87 -5.32 6.65 -8.82
C ALA B 87 -5.79 8.09 -8.53
N CYS B 88 -4.86 9.03 -8.56
CA CYS B 88 -5.16 10.43 -8.23
C CYS B 88 -5.52 11.29 -9.45
N THR B 89 -6.43 12.24 -9.23
CA THR B 89 -6.72 13.30 -10.18
C THR B 89 -5.60 14.35 -10.14
N SER B 90 -5.71 15.37 -10.98
CA SER B 90 -4.65 16.37 -11.07
C SER B 90 -4.81 17.48 -10.06
N GLN B 91 -3.77 17.67 -9.26
CA GLN B 91 -3.71 18.75 -8.28
C GLN B 91 -4.97 18.83 -7.45
N SER B 92 -5.28 17.74 -6.78
CA SER B 92 -6.55 17.61 -6.06
C SER B 92 -6.52 18.32 -4.68
N GLY B 93 -5.33 18.48 -4.12
CA GLY B 93 -5.19 18.93 -2.74
C GLY B 93 -5.33 17.82 -1.71
N LEU B 94 -5.60 16.61 -2.18
CA LEU B 94 -5.71 15.42 -1.33
C LEU B 94 -4.54 14.45 -1.59
N PRO B 95 -4.23 13.58 -0.62
CA PRO B 95 -4.88 13.47 0.68
C PRO B 95 -4.55 14.64 1.62
N LEU B 96 -5.48 14.94 2.51
CA LEU B 96 -5.36 16.03 3.46
C LEU B 96 -5.95 15.53 4.78
N ARG B 97 -5.25 15.77 5.88
CA ARG B 97 -5.75 15.31 7.16
C ARG B 97 -7.07 15.97 7.51
N VAL B 98 -7.99 15.21 8.08
CA VAL B 98 -9.29 15.73 8.51
C VAL B 98 -9.17 16.95 9.42
N GLU B 99 -8.20 16.92 10.35
CA GLU B 99 -7.98 18.08 11.21
C GLU B 99 -7.47 19.31 10.44
N ALA B 100 -6.89 19.09 9.26
CA ALA B 100 -6.30 20.15 8.45
C ALA B 100 -7.23 20.60 7.29
N ILE B 101 -8.46 20.10 7.27
CA ILE B 101 -9.46 20.63 6.30
C ILE B 101 -10.17 21.85 6.88
N SER B 102 -10.22 22.96 6.13
CA SER B 102 -10.95 24.16 6.56
C SER B 102 -12.41 24.09 6.09
N ARG B 103 -12.58 23.89 4.78
CA ARG B 103 -13.90 23.86 4.17
C ARG B 103 -13.94 22.79 3.07
N LEU B 104 -15.13 22.23 2.84
CA LEU B 104 -15.33 21.26 1.78
C LEU B 104 -16.78 21.29 1.37
N GLN B 105 -17.03 21.62 0.11
CA GLN B 105 -18.39 21.67 -0.36
C GLN B 105 -18.47 21.18 -1.80
N SER B 106 -19.67 20.83 -2.22
CA SER B 106 -19.82 20.18 -3.52
C SER B 106 -21.18 20.48 -4.15
N ASN B 107 -21.22 20.55 -5.48
CA ASN B 107 -22.47 20.53 -6.23
C ASN B 107 -22.63 19.20 -6.97
N TRP B 108 -23.89 18.82 -7.19
CA TRP B 108 -24.22 17.67 -8.00
C TRP B 108 -25.67 17.72 -8.43
N ARG B 109 -25.94 17.17 -9.61
CA ARG B 109 -27.31 16.99 -10.06
C ARG B 109 -27.48 15.56 -10.55
N LEU B 110 -28.54 14.90 -10.11
CA LEU B 110 -28.73 13.52 -10.52
C LEU B 110 -30.07 13.41 -11.26
N THR B 111 -30.12 12.52 -12.24
CA THR B 111 -31.40 12.22 -12.88
C THR B 111 -31.82 10.81 -12.52
N PRO B 112 -32.88 10.68 -11.72
CA PRO B 112 -33.35 9.38 -11.26
C PRO B 112 -34.13 8.62 -12.33
N ILE B 113 -34.36 7.32 -12.11
CA ILE B 113 -35.14 6.51 -13.06
C ILE B 113 -36.27 5.81 -12.28
N SER B 114 -37.22 5.23 -12.99
CA SER B 114 -38.36 4.58 -12.37
C SER B 114 -38.27 3.07 -12.36
N SER B 115 -37.06 2.54 -12.40
CA SER B 115 -36.90 1.09 -12.30
C SER B 115 -35.60 0.75 -11.56
N GLY B 116 -35.39 -0.53 -11.30
CA GLY B 116 -34.13 -0.98 -10.70
C GLY B 116 -34.02 -0.75 -9.20
N ARG B 117 -32.88 -1.14 -8.66
CA ARG B 117 -32.60 -0.95 -7.25
C ARG B 117 -31.21 -0.33 -7.11
N TRP B 118 -31.18 0.90 -6.63
CA TRP B 118 -30.01 1.77 -6.74
C TRP B 118 -30.10 2.87 -5.73
N ASN B 119 -28.96 3.53 -5.47
CA ASN B 119 -28.98 4.83 -4.81
C ASN B 119 -28.14 5.85 -5.58
N ALA B 120 -28.29 7.13 -5.25
CA ALA B 120 -27.39 8.19 -5.72
C ALA B 120 -26.73 8.77 -4.48
N ALA B 121 -25.43 8.64 -4.38
CA ALA B 121 -24.77 8.85 -3.09
C ALA B 121 -23.36 9.34 -3.30
N TYR B 122 -22.94 10.24 -2.43
CA TYR B 122 -21.51 10.55 -2.27
C TYR B 122 -20.86 9.39 -1.54
N ASP B 123 -19.55 9.23 -1.79
CA ASP B 123 -18.70 8.21 -1.15
C ASP B 123 -17.33 8.88 -0.91
N LEU B 124 -16.97 9.03 0.37
CA LEU B 124 -15.71 9.69 0.74
C LEU B 124 -14.84 8.68 1.46
N TRP B 125 -13.54 8.65 1.14
CA TRP B 125 -12.68 7.64 1.70
C TRP B 125 -11.58 8.27 2.55
N PHE B 126 -11.31 7.65 3.69
CA PHE B 126 -10.34 8.10 4.66
C PHE B 126 -9.43 6.97 5.09
N SER B 127 -8.21 7.30 5.48
CA SER B 127 -7.39 6.32 6.18
C SER B 127 -6.18 6.97 6.83
N PRO B 128 -5.58 6.26 7.80
CA PRO B 128 -4.44 6.88 8.48
C PRO B 128 -3.22 7.00 7.58
N SER B 129 -3.23 6.33 6.42
CA SER B 129 -2.11 6.37 5.50
C SER B 129 -2.13 7.49 4.46
N LEU B 130 -0.93 7.93 4.07
CA LEU B 130 -0.76 8.90 3.01
C LEU B 130 -1.02 8.34 1.63
N THR B 131 -1.01 7.02 1.48
CA THR B 131 -1.29 6.40 0.20
C THR B 131 -2.51 5.52 0.26
N SER B 132 -3.09 5.26 -0.92
CA SER B 132 -4.29 4.45 -0.96
C SER B 132 -4.25 3.30 -1.94
N THR B 133 -3.06 2.91 -2.39
CA THR B 133 -2.99 1.89 -3.45
C THR B 133 -3.57 0.55 -2.98
N ASN B 134 -3.50 0.28 -1.69
CA ASN B 134 -4.07 -0.94 -1.16
C ASN B 134 -5.44 -0.74 -0.52
N GLY B 135 -6.05 0.42 -0.76
CA GLY B 135 -7.39 0.67 -0.19
C GLY B 135 -7.35 1.34 1.18
N TYR B 136 -8.42 1.18 1.94
CA TYR B 136 -8.66 2.01 3.15
C TYR B 136 -8.95 1.23 4.43
N SER B 137 -8.38 0.02 4.53
CA SER B 137 -8.50 -0.77 5.75
C SER B 137 -7.92 0.01 6.91
N GLY B 138 -8.60 -0.02 8.04
CA GLY B 138 -8.17 0.77 9.20
C GLY B 138 -8.58 2.23 9.10
N GLY B 139 -9.29 2.60 8.02
CA GLY B 139 -9.86 3.97 7.92
C GLY B 139 -11.38 3.98 7.93
N ALA B 140 -11.99 4.77 7.03
CA ALA B 140 -13.44 4.94 7.04
C ALA B 140 -13.93 5.24 5.63
N GLU B 141 -15.24 5.03 5.46
CA GLU B 141 -15.97 5.37 4.25
C GLU B 141 -17.19 6.15 4.74
N LEU B 142 -17.41 7.34 4.19
CA LEU B 142 -18.56 8.15 4.61
C LEU B 142 -19.44 8.36 3.38
N MET B 143 -20.66 7.85 3.44
CA MET B 143 -21.59 7.99 2.28
C MET B 143 -22.64 9.04 2.61
N ILE B 144 -23.23 9.61 1.56
CA ILE B 144 -24.32 10.59 1.74
C ILE B 144 -25.33 10.27 0.67
N TRP B 145 -26.40 9.58 1.07
CA TRP B 145 -27.40 9.09 0.11
C TRP B 145 -28.42 10.19 -0.13
N LEU B 146 -28.65 10.53 -1.39
CA LEU B 146 -29.55 11.63 -1.72
C LEU B 146 -30.86 11.17 -2.34
N ASN B 147 -30.86 9.96 -2.91
CA ASN B 147 -32.04 9.47 -3.64
C ASN B 147 -31.78 7.96 -3.89
N TRP B 148 -32.82 7.21 -4.18
CA TRP B 148 -32.68 5.75 -4.25
C TRP B 148 -34.00 5.17 -4.76
N ARG B 149 -33.99 3.87 -5.07
CA ARG B 149 -35.21 3.15 -5.34
C ARG B 149 -35.10 1.71 -4.88
N GLY B 150 -36.21 1.14 -4.40
CA GLY B 150 -36.32 -0.29 -4.17
C GLY B 150 -35.99 -0.73 -2.75
N ASN B 151 -36.07 0.19 -1.80
CA ASN B 151 -35.86 -0.13 -0.37
C ASN B 151 -34.46 -0.68 -0.09
N VAL B 152 -33.48 -0.29 -0.90
CA VAL B 152 -32.08 -0.56 -0.58
C VAL B 152 -31.71 0.12 0.74
N MET B 153 -30.79 -0.49 1.49
CA MET B 153 -30.51 -0.09 2.88
C MET B 153 -29.01 0.14 3.00
N PRO B 154 -28.61 1.15 3.77
CA PRO B 154 -27.19 1.25 4.14
C PRO B 154 -26.71 0.01 4.88
N GLY B 155 -25.39 -0.21 4.88
CA GLY B 155 -24.77 -1.23 5.72
C GLY B 155 -24.93 -0.92 7.19
N GLY B 156 -24.79 -1.93 8.03
CA GLY B 156 -24.74 -1.77 9.48
C GLY B 156 -26.10 -1.50 10.13
N ASN B 157 -26.11 -0.59 11.11
CA ASN B 157 -27.27 -0.32 11.92
C ASN B 157 -27.56 1.17 11.96
N ARG B 158 -28.83 1.51 12.08
CA ARG B 158 -29.26 2.91 12.24
C ARG B 158 -28.89 3.36 13.64
N VAL B 159 -28.16 4.45 13.80
CA VAL B 159 -27.75 4.85 15.15
C VAL B 159 -28.29 6.18 15.61
N ALA B 160 -28.71 7.04 14.68
CA ALA B 160 -29.13 8.40 15.07
C ALA B 160 -29.88 9.06 13.94
N THR B 161 -30.44 10.24 14.22
CA THR B 161 -30.99 11.12 13.21
C THR B 161 -30.35 12.47 13.49
N VAL B 162 -29.98 13.20 12.45
CA VAL B 162 -29.15 14.40 12.66
C VAL B 162 -29.51 15.53 11.65
N SER B 163 -29.48 16.79 12.11
CA SER B 163 -29.57 17.97 11.21
C SER B 163 -28.16 18.40 10.80
N LEU B 164 -27.86 18.38 9.50
CA LEU B 164 -26.53 18.75 9.03
C LEU B 164 -26.69 19.36 7.66
N ALA B 165 -25.90 20.40 7.39
CA ALA B 165 -25.77 20.95 6.03
C ALA B 165 -27.13 21.40 5.45
N GLY B 166 -28.05 21.76 6.32
CA GLY B 166 -29.31 22.36 5.85
C GLY B 166 -30.41 21.34 5.61
N ALA B 167 -30.20 20.13 6.10
CA ALA B 167 -31.20 19.06 5.94
C ALA B 167 -31.08 18.07 7.07
N THR B 168 -31.94 17.04 7.02
CA THR B 168 -32.05 16.04 8.06
C THR B 168 -31.68 14.66 7.49
N TRP B 169 -30.96 13.87 8.29
CA TRP B 169 -30.34 12.60 7.81
C TRP B 169 -30.49 11.50 8.83
N GLU B 170 -30.70 10.28 8.34
CA GLU B 170 -30.46 9.08 9.16
C GLU B 170 -28.98 8.77 9.23
N VAL B 171 -28.47 8.43 10.42
CA VAL B 171 -27.07 8.01 10.50
C VAL B 171 -27.01 6.49 10.66
N TRP B 172 -26.23 5.85 9.78
CA TRP B 172 -25.97 4.40 9.83
C TRP B 172 -24.48 4.14 10.02
N PHE B 173 -24.16 3.11 10.81
CA PHE B 173 -22.77 2.79 11.15
C PHE B 173 -22.53 1.28 11.00
N ALA B 174 -21.47 0.91 10.26
CA ALA B 174 -20.98 -0.48 10.29
C ALA B 174 -19.51 -0.54 10.68
N ASP B 175 -19.21 -1.48 11.57
CA ASP B 175 -17.83 -1.71 11.95
C ASP B 175 -17.25 -2.85 11.11
N TRP B 176 -16.57 -2.50 10.02
CA TRP B 176 -16.02 -3.49 9.07
C TRP B 176 -14.50 -3.39 9.12
N ASP B 177 -13.81 -3.77 8.03
CA ASP B 177 -12.35 -3.61 8.02
C ASP B 177 -12.04 -2.13 8.04
N TRP B 178 -12.98 -1.34 7.51
CA TRP B 178 -13.03 0.11 7.73
C TRP B 178 -14.32 0.49 8.43
N ASN B 179 -14.38 1.69 9.00
CA ASN B 179 -15.64 2.17 9.58
C ASN B 179 -16.51 2.71 8.43
N TYR B 180 -17.74 2.21 8.33
CA TYR B 180 -18.70 2.67 7.31
C TYR B 180 -19.74 3.58 7.99
N ILE B 181 -19.82 4.82 7.54
CA ILE B 181 -20.87 5.74 8.05
C ILE B 181 -21.71 6.21 6.88
N ALA B 182 -23.02 6.05 6.97
CA ALA B 182 -23.87 6.52 5.85
C ALA B 182 -24.91 7.49 6.40
N TYR B 183 -25.09 8.61 5.71
CA TYR B 183 -26.11 9.60 6.06
C TYR B 183 -27.17 9.51 4.97
N ARG B 184 -28.36 9.03 5.32
CA ARG B 184 -29.43 8.88 4.36
C ARG B 184 -30.44 10.02 4.56
N ARG B 185 -30.63 10.83 3.52
CA ARG B 185 -31.45 12.05 3.67
C ARG B 185 -32.86 11.57 4.01
N THR B 186 -33.54 12.26 4.94
CA THR B 186 -34.86 11.80 5.38
C THR B 186 -35.88 11.93 4.26
N THR B 187 -35.65 12.84 3.33
CA THR B 187 -36.42 12.81 2.08
C THR B 187 -35.48 12.97 0.88
N PRO B 188 -35.79 12.33 -0.26
CA PRO B 188 -34.81 12.34 -1.38
C PRO B 188 -34.82 13.67 -2.15
N VAL B 189 -33.67 14.00 -2.75
CA VAL B 189 -33.53 15.16 -3.64
C VAL B 189 -32.92 14.75 -4.98
N THR B 190 -32.91 15.66 -5.95
CA THR B 190 -32.24 15.39 -7.23
C THR B 190 -31.04 16.30 -7.47
N GLU B 191 -30.79 17.22 -6.54
CA GLU B 191 -29.69 18.14 -6.71
C GLU B 191 -29.23 18.63 -5.36
N VAL B 192 -27.93 18.87 -5.24
CA VAL B 192 -27.38 19.67 -4.15
C VAL B 192 -26.51 20.81 -4.66
N THR B 193 -26.64 21.93 -3.97
CA THR B 193 -25.88 23.13 -4.28
C THR B 193 -25.13 23.57 -3.02
N GLN B 194 -23.80 23.60 -3.16
CA GLN B 194 -22.85 23.90 -2.08
C GLN B 194 -23.13 23.08 -0.83
N LEU B 195 -23.27 21.78 -1.02
CA LEU B 195 -23.50 20.90 0.10
C LEU B 195 -22.28 20.92 0.97
N ASP B 196 -22.46 21.14 2.26
CA ASP B 196 -21.31 21.22 3.17
C ASP B 196 -20.86 19.81 3.59
N LEU B 197 -19.90 19.24 2.84
CA LEU B 197 -19.45 17.89 3.11
C LEU B 197 -18.72 17.84 4.47
N LYS B 198 -18.04 18.92 4.84
CA LYS B 198 -17.28 18.92 6.11
C LYS B 198 -18.22 18.74 7.31
N ALA B 199 -19.47 19.16 7.16
CA ALA B 199 -20.46 19.02 8.24
C ALA B 199 -20.66 17.52 8.58
N PHE B 200 -20.71 16.66 7.57
CA PHE B 200 -20.81 15.20 7.77
C PHE B 200 -19.54 14.64 8.38
N ILE B 201 -18.40 15.09 7.86
CA ILE B 201 -17.12 14.63 8.39
C ILE B 201 -16.98 14.97 9.86
N ASP B 202 -17.30 16.20 10.24
CA ASP B 202 -17.22 16.57 11.66
C ASP B 202 -18.23 15.81 12.55
N ASP B 203 -19.39 15.45 12.01
CA ASP B 203 -20.33 14.66 12.80
C ASP B 203 -19.75 13.24 13.03
N ALA B 204 -19.18 12.67 11.98
CA ALA B 204 -18.59 11.33 12.09
C ALA B 204 -17.41 11.37 13.05
N VAL B 205 -16.66 12.47 13.03
CA VAL B 205 -15.57 12.63 13.97
C VAL B 205 -16.10 12.69 15.40
N ALA B 206 -17.15 13.50 15.62
CA ALA B 206 -17.75 13.59 16.96
C ALA B 206 -18.24 12.27 17.50
N ARG B 207 -18.78 11.42 16.61
CA ARG B 207 -19.26 10.10 17.00
C ARG B 207 -18.15 9.09 17.26
N GLY B 208 -16.91 9.43 16.92
CA GLY B 208 -15.78 8.54 17.08
C GLY B 208 -15.62 7.55 15.94
N TYR B 209 -16.31 7.80 14.83
CA TYR B 209 -16.22 6.90 13.68
C TYR B 209 -15.06 7.25 12.74
N ILE B 210 -14.66 8.51 12.76
CA ILE B 210 -13.50 8.94 11.99
C ILE B 210 -12.51 9.61 12.94
N SER B 211 -11.24 9.22 12.86
CA SER B 211 -10.21 9.93 13.59
C SER B 211 -9.84 11.22 12.88
N PRO B 212 -9.70 12.32 13.62
CA PRO B 212 -9.34 13.57 12.94
C PRO B 212 -7.87 13.59 12.43
N THR B 213 -7.03 12.62 12.84
CA THR B 213 -5.73 12.46 12.18
C THR B 213 -5.72 11.55 10.93
N TRP B 214 -6.87 11.01 10.56
CA TRP B 214 -6.92 10.24 9.32
C TRP B 214 -6.95 11.22 8.17
N TYR B 215 -6.50 10.76 7.01
CA TYR B 215 -6.50 11.57 5.80
C TYR B 215 -7.78 11.32 5.02
N LEU B 216 -8.33 12.40 4.47
CA LEU B 216 -9.34 12.29 3.42
C LEU B 216 -8.64 12.09 2.10
N HIS B 217 -8.95 10.98 1.42
CA HIS B 217 -8.26 10.66 0.17
C HIS B 217 -9.06 11.02 -1.07
N ALA B 218 -10.37 10.85 -0.99
CA ALA B 218 -11.18 10.98 -2.20
C ALA B 218 -12.58 11.44 -1.89
N VAL B 219 -13.14 12.27 -2.78
CA VAL B 219 -14.52 12.72 -2.67
C VAL B 219 -15.21 12.31 -3.96
N GLU B 220 -16.15 11.38 -3.85
CA GLU B 220 -16.79 10.78 -5.05
C GLU B 220 -18.28 10.99 -4.95
N THR B 221 -18.95 10.92 -6.10
CA THR B 221 -20.38 10.71 -6.06
C THR B 221 -20.78 9.90 -7.28
N GLY B 222 -21.91 9.19 -7.17
CA GLY B 222 -22.34 8.28 -8.25
C GLY B 222 -23.48 7.44 -7.73
N PHE B 223 -23.66 6.24 -8.30
CA PHE B 223 -24.85 5.45 -8.01
C PHE B 223 -24.39 4.07 -7.61
N GLU B 224 -24.78 3.62 -6.41
CA GLU B 224 -24.60 2.22 -6.10
C GLU B 224 -25.72 1.47 -6.76
N LEU B 225 -25.38 0.41 -7.49
CA LEU B 225 -26.38 -0.31 -8.26
C LEU B 225 -26.46 -1.74 -7.72
N TRP B 226 -27.67 -2.18 -7.37
CA TRP B 226 -27.94 -3.56 -7.02
C TRP B 226 -28.62 -4.27 -8.20
N GLU B 227 -29.58 -3.59 -8.83
CA GLU B 227 -30.31 -4.15 -9.96
C GLU B 227 -30.53 -3.07 -10.96
N GLY B 228 -30.22 -3.35 -12.22
CA GLY B 228 -30.45 -2.40 -13.30
C GLY B 228 -29.65 -1.12 -13.19
N GLY B 229 -30.23 0.00 -13.61
CA GLY B 229 -29.55 1.28 -13.48
C GLY B 229 -29.52 2.08 -14.76
N ARG B 230 -30.03 1.50 -15.85
CA ARG B 230 -29.91 2.14 -17.17
C ARG B 230 -30.68 3.45 -17.20
N GLY B 231 -29.99 4.51 -17.59
CA GLY B 231 -30.60 5.84 -17.65
C GLY B 231 -30.34 6.79 -16.49
N LEU B 232 -29.81 6.27 -15.37
CA LEU B 232 -29.31 7.17 -14.34
C LEU B 232 -28.24 8.09 -14.91
N LYS B 233 -28.32 9.36 -14.54
CA LYS B 233 -27.39 10.36 -15.04
C LYS B 233 -26.82 11.26 -13.93
N SER B 234 -25.52 11.54 -14.04
CA SER B 234 -24.77 12.37 -13.09
C SER B 234 -24.35 13.62 -13.86
N SER B 235 -24.73 14.79 -13.35
CA SER B 235 -24.43 16.09 -14.01
C SER B 235 -23.85 17.15 -13.09
N ASP B 236 -23.09 18.10 -13.64
CA ASP B 236 -22.80 19.34 -12.96
C ASP B 236 -22.02 19.12 -11.65
N PHE B 237 -21.14 18.11 -11.64
CA PHE B 237 -20.35 17.82 -10.43
C PHE B 237 -19.32 18.94 -10.22
N SER B 238 -19.17 19.37 -8.97
CA SER B 238 -18.11 20.26 -8.58
C SER B 238 -17.71 19.88 -7.16
N VAL B 239 -16.42 20.00 -6.85
CA VAL B 239 -15.98 19.97 -5.44
C VAL B 239 -15.06 21.16 -5.17
N THR B 240 -15.22 21.79 -4.01
CA THR B 240 -14.29 22.86 -3.62
C THR B 240 -13.75 22.55 -2.23
N LEU B 241 -12.43 22.35 -2.17
CA LEU B 241 -11.75 22.01 -0.92
C LEU B 241 -10.87 23.17 -0.51
N THR B 242 -10.89 23.48 0.78
CA THR B 242 -9.99 24.47 1.35
C THR B 242 -9.27 23.87 2.55
N ALA B 243 -7.96 24.03 2.59
CA ALA B 243 -7.16 23.52 3.70
C ALA B 243 -6.94 24.61 4.75
N ARG B 244 -6.72 24.20 6.00
CA ARG B 244 -6.37 25.17 7.02
C ARG B 244 -5.00 25.80 6.73
#